data_1YLI
#
_entry.id   1YLI
#
_cell.length_a   163.676
_cell.length_b   163.676
_cell.length_c   163.676
_cell.angle_alpha   90.00
_cell.angle_beta   90.00
_cell.angle_gamma   90.00
#
_symmetry.space_group_name_H-M   'I 41 3 2'
#
loop_
_entity.id
_entity.type
_entity.pdbx_description
1 polymer 'Putative acyl-CoA thioester hydrolase HI0827'
2 non-polymer 'CALCIUM ION'
3 non-polymer 'COENZYME A'
4 non-polymer GLYCEROL
5 water water
#
_entity_poly.entity_id   1
_entity_poly.type   'polypeptide(L)'
_entity_poly.pdbx_seq_one_letter_code
;SANFTDKNGRQSKGVLLLRTLAMPSDTNANGDIFGGWIMSQMDMGGAILAKEIAHGRVVTVAVESMNFIKPISVGDVVCC
YGQCLKVGRSSIKIKVEVWVKKVASEPIGERYCVTDAVFTFVAVDNNGRSRTIPRENNQELEKALALISEQPL
;
_entity_poly.pdbx_strand_id   A,B
#
# COMPACT_ATOMS: atom_id res chain seq x y z
N ARG A 10 15.08 -19.93 -5.17
CA ARG A 10 15.07 -18.51 -4.65
C ARG A 10 15.20 -18.45 -3.12
N GLN A 11 16.13 -17.62 -2.65
CA GLN A 11 16.38 -17.41 -1.22
C GLN A 11 16.04 -15.96 -0.89
N SER A 12 15.68 -15.70 0.36
CA SER A 12 15.38 -14.31 0.81
C SER A 12 16.59 -13.41 0.68
N LYS A 13 16.35 -12.14 0.40
CA LYS A 13 17.45 -11.21 0.36
C LYS A 13 17.12 -10.04 1.26
N GLY A 14 18.13 -9.53 1.96
CA GLY A 14 17.94 -8.44 2.92
C GLY A 14 18.01 -8.90 4.37
N VAL A 15 17.84 -7.97 5.29
CA VAL A 15 17.80 -8.34 6.72
C VAL A 15 16.33 -8.52 7.09
N LEU A 16 16.08 -9.38 8.07
CA LEU A 16 14.70 -9.59 8.51
C LEU A 16 14.24 -8.34 9.26
N LEU A 17 13.11 -7.77 8.85
CA LEU A 17 12.61 -6.53 9.44
C LEU A 17 11.42 -6.78 10.42
N LEU A 18 10.43 -7.54 9.96
CA LEU A 18 9.28 -7.93 10.74
C LEU A 18 8.98 -9.40 10.51
N ARG A 19 8.61 -10.09 11.58
CA ARG A 19 8.07 -11.43 11.46
C ARG A 19 6.75 -11.45 12.23
N THR A 20 5.65 -11.62 11.52
CA THR A 20 4.31 -11.29 11.98
C THR A 20 3.37 -12.49 11.67
N LEU A 21 2.54 -12.88 12.62
CA LEU A 21 1.43 -13.82 12.35
C LEU A 21 0.27 -13.07 11.68
N ALA A 22 -0.27 -13.64 10.60
CA ALA A 22 -1.46 -13.07 9.99
C ALA A 22 -2.63 -13.38 10.90
N MET A 23 -3.29 -12.33 11.40
CA MET A 23 -4.34 -12.49 12.41
C MET A 23 -5.74 -12.20 11.85
N PRO A 24 -6.78 -12.74 12.50
CA PRO A 24 -8.13 -12.39 12.06
C PRO A 24 -8.39 -10.90 11.93
N SER A 25 -7.85 -10.09 12.83
CA SER A 25 -8.06 -8.64 12.76
C SER A 25 -7.33 -7.97 11.59
N ASP A 26 -6.47 -8.73 10.90
CA ASP A 26 -5.80 -8.28 9.67
C ASP A 26 -6.57 -8.49 8.36
N THR A 27 -7.63 -9.28 8.39
CA THR A 27 -8.38 -9.58 7.17
C THR A 27 -9.34 -8.47 6.75
N ASN A 28 -9.82 -8.56 5.50
CA ASN A 28 -10.93 -7.75 5.06
C ASN A 28 -12.19 -8.35 5.64
N ALA A 29 -13.34 -7.77 5.28
CA ALA A 29 -14.60 -8.16 5.84
C ALA A 29 -14.97 -9.60 5.46
N ASN A 30 -14.36 -10.13 4.40
CA ASN A 30 -14.63 -11.49 3.93
C ASN A 30 -13.77 -12.53 4.63
N GLY A 31 -12.83 -12.07 5.47
CA GLY A 31 -11.86 -12.95 6.12
C GLY A 31 -10.60 -13.31 5.33
N ASP A 32 -10.33 -12.62 4.23
CA ASP A 32 -9.15 -12.82 3.43
C ASP A 32 -8.09 -11.81 3.84
N ILE A 33 -6.85 -12.28 3.97
CA ILE A 33 -5.69 -11.41 4.02
C ILE A 33 -5.59 -10.72 2.65
N PHE A 34 -5.59 -9.39 2.66
CA PHE A 34 -5.75 -8.64 1.40
C PHE A 34 -4.44 -7.91 1.10
N GLY A 35 -4.29 -7.44 -0.13
CA GLY A 35 -3.03 -6.85 -0.58
C GLY A 35 -2.65 -5.63 0.24
N GLY A 36 -3.63 -4.79 0.54
CA GLY A 36 -3.39 -3.62 1.39
C GLY A 36 -2.65 -3.92 2.69
N TRP A 37 -3.05 -4.98 3.38
CA TRP A 37 -2.34 -5.35 4.63
C TRP A 37 -0.86 -5.69 4.37
N ILE A 38 -0.60 -6.39 3.27
CA ILE A 38 0.78 -6.73 2.92
C ILE A 38 1.56 -5.44 2.60
N MET A 39 0.99 -4.54 1.82
CA MET A 39 1.64 -3.26 1.49
C MET A 39 1.97 -2.50 2.76
N SER A 40 1.05 -2.56 3.68
CA SER A 40 1.20 -1.86 4.94
C SER A 40 2.36 -2.40 5.84
N GLN A 41 2.46 -3.73 5.95
CA GLN A 41 3.61 -4.40 6.55
C GLN A 41 4.93 -4.05 5.87
N MET A 42 4.94 -4.06 4.55
CA MET A 42 6.17 -3.73 3.81
C MET A 42 6.65 -2.31 4.12
N ASP A 43 5.70 -1.36 4.08
CA ASP A 43 6.00 0.05 4.34
C ASP A 43 6.50 0.21 5.77
N MET A 44 5.78 -0.37 6.72
CA MET A 44 6.22 -0.30 8.11
C MET A 44 7.57 -0.93 8.37
N GLY A 45 7.79 -2.10 7.78
CA GLY A 45 9.03 -2.86 8.00
C GLY A 45 10.18 -2.16 7.30
N GLY A 46 9.97 -1.74 6.04
CA GLY A 46 11.00 -1.04 5.25
C GLY A 46 11.51 0.20 6.01
N ALA A 47 10.58 0.92 6.62
CA ALA A 47 10.88 2.14 7.34
C ALA A 47 11.73 1.91 8.59
N ILE A 48 11.76 0.69 9.13
CA ILE A 48 12.61 0.39 10.29
C ILE A 48 14.06 0.57 9.87
N LEU A 49 14.40 -0.06 8.76
CA LEU A 49 15.73 0.01 8.21
C LEU A 49 16.04 1.44 7.76
N ALA A 50 15.11 2.09 7.08
CA ALA A 50 15.28 3.51 6.72
C ALA A 50 15.62 4.44 7.91
N LYS A 51 14.89 4.29 9.00
CA LYS A 51 15.06 5.10 10.23
C LYS A 51 16.43 4.84 10.87
N GLU A 52 16.81 3.57 10.90
CA GLU A 52 18.15 3.17 11.33
C GLU A 52 19.25 3.97 10.60
N ILE A 53 19.16 4.01 9.29
CA ILE A 53 20.20 4.66 8.48
C ILE A 53 20.05 6.18 8.58
N ALA A 54 18.81 6.63 8.73
CA ALA A 54 18.54 8.08 8.61
C ALA A 54 18.77 8.79 9.93
N HIS A 55 18.85 8.01 11.00
CA HIS A 55 19.00 8.52 12.35
C HIS A 55 17.86 9.46 12.75
N GLY A 56 16.64 9.10 12.42
CA GLY A 56 15.50 9.86 12.87
C GLY A 56 14.29 9.62 11.98
N ARG A 57 13.31 10.49 12.16
CA ARG A 57 12.08 10.44 11.45
C ARG A 57 12.24 10.28 9.93
N VAL A 58 11.46 9.37 9.35
CA VAL A 58 11.42 9.19 7.90
C VAL A 58 9.95 9.10 7.45
N VAL A 59 9.67 9.48 6.20
CA VAL A 59 8.34 9.27 5.61
C VAL A 59 8.51 8.60 4.25
N THR A 60 7.42 7.99 3.77
CA THR A 60 7.42 7.34 2.44
C THR A 60 6.99 8.36 1.42
N VAL A 61 7.85 8.58 0.44
CA VAL A 61 7.51 9.46 -0.66
C VAL A 61 7.02 8.69 -1.89
N ALA A 62 7.42 7.42 -2.05
CA ALA A 62 7.10 6.68 -3.29
C ALA A 62 7.21 5.17 -3.05
N VAL A 63 6.47 4.39 -3.83
CA VAL A 63 6.63 2.94 -3.86
C VAL A 63 6.50 2.51 -5.32
N GLU A 64 7.30 1.53 -5.75
CA GLU A 64 7.26 1.00 -7.11
C GLU A 64 6.04 0.11 -7.30
N SER A 65 5.69 -0.21 -8.53
CA SER A 65 4.64 -1.20 -8.79
C SER A 65 4.97 -2.56 -8.13
N MET A 66 3.94 -3.37 -7.89
CA MET A 66 4.02 -4.60 -7.11
C MET A 66 3.07 -5.59 -7.74
N ASN A 67 3.37 -6.89 -7.66
CA ASN A 67 2.49 -7.98 -8.08
C ASN A 67 2.38 -8.98 -6.92
N PHE A 68 1.18 -9.46 -6.63
CA PHE A 68 0.97 -10.44 -5.57
C PHE A 68 0.79 -11.81 -6.20
N ILE A 69 1.80 -12.65 -6.02
CA ILE A 69 1.85 -13.93 -6.76
C ILE A 69 1.16 -15.08 -6.05
N LYS A 70 1.22 -15.07 -4.72
CA LYS A 70 0.58 -16.09 -3.89
C LYS A 70 -0.26 -15.50 -2.74
N PRO A 71 -1.31 -16.23 -2.33
CA PRO A 71 -2.17 -15.83 -1.21
C PRO A 71 -1.55 -16.14 0.15
N ILE A 72 -2.06 -15.47 1.21
CA ILE A 72 -1.64 -15.66 2.58
C ILE A 72 -2.90 -16.00 3.35
N SER A 73 -2.83 -16.97 4.26
CA SER A 73 -3.94 -17.39 5.12
C SER A 73 -3.69 -16.93 6.54
N VAL A 74 -4.78 -16.70 7.28
CA VAL A 74 -4.70 -16.32 8.68
C VAL A 74 -4.02 -17.50 9.39
N GLY A 75 -3.04 -17.17 10.23
CA GLY A 75 -2.28 -18.21 10.89
C GLY A 75 -0.88 -18.32 10.33
N ASP A 76 -0.72 -17.93 9.07
CA ASP A 76 0.58 -18.05 8.41
C ASP A 76 1.55 -17.01 9.00
N VAL A 77 2.83 -17.33 8.95
CA VAL A 77 3.85 -16.39 9.38
C VAL A 77 4.33 -15.55 8.19
N VAL A 78 4.39 -14.23 8.38
CA VAL A 78 4.74 -13.29 7.31
C VAL A 78 6.01 -12.55 7.66
N CYS A 79 7.03 -12.66 6.81
CA CYS A 79 8.32 -12.03 7.05
C CYS A 79 8.59 -10.92 6.06
N CYS A 80 8.99 -9.74 6.53
CA CYS A 80 9.43 -8.70 5.60
C CYS A 80 10.95 -8.58 5.67
N TYR A 81 11.60 -8.65 4.50
CA TYR A 81 13.05 -8.50 4.41
C TYR A 81 13.44 -7.22 3.67
N GLY A 82 14.54 -6.61 4.10
CA GLY A 82 14.87 -5.25 3.69
C GLY A 82 16.29 -5.12 3.19
N GLN A 83 16.44 -4.46 2.05
CA GLN A 83 17.74 -4.29 1.44
C GLN A 83 17.83 -2.84 0.94
N CYS A 84 18.72 -2.06 1.54
CA CYS A 84 18.88 -0.68 1.12
C CYS A 84 19.64 -0.65 -0.22
N LEU A 85 19.05 -0.02 -1.24
CA LEU A 85 19.67 0.00 -2.57
C LEU A 85 20.38 1.30 -2.87
N LYS A 86 19.93 2.41 -2.28
CA LYS A 86 20.60 3.68 -2.50
C LYS A 86 20.38 4.62 -1.32
N VAL A 87 21.41 5.37 -0.94
CA VAL A 87 21.24 6.49 0.00
C VAL A 87 21.59 7.79 -0.70
N GLY A 88 20.64 8.72 -0.75
CA GLY A 88 20.87 10.03 -1.38
C GLY A 88 21.18 11.03 -0.29
N ARG A 89 20.74 12.26 -0.45
CA ARG A 89 20.98 13.25 0.58
C ARG A 89 19.96 13.03 1.70
N SER A 90 18.67 13.05 1.37
CA SER A 90 17.63 12.81 2.34
C SER A 90 16.86 11.54 2.02
N SER A 91 16.97 11.06 0.79
CA SER A 91 16.22 9.87 0.41
C SER A 91 17.00 8.56 0.61
N ILE A 92 16.24 7.48 0.87
CA ILE A 92 16.77 6.13 1.01
C ILE A 92 15.84 5.19 0.23
N LYS A 93 16.37 4.42 -0.72
CA LYS A 93 15.59 3.39 -1.41
C LYS A 93 15.75 2.03 -0.73
N ILE A 94 14.65 1.45 -0.26
CA ILE A 94 14.73 0.10 0.33
C ILE A 94 13.87 -0.89 -0.46
N LYS A 95 14.51 -1.99 -0.89
CA LYS A 95 13.78 -3.10 -1.45
C LYS A 95 13.20 -4.01 -0.35
N VAL A 96 11.90 -4.23 -0.38
CA VAL A 96 11.26 -5.12 0.63
C VAL A 96 10.73 -6.39 -0.07
N GLU A 97 11.13 -7.57 0.40
CA GLU A 97 10.54 -8.86 0.00
C GLU A 97 9.63 -9.44 1.09
N VAL A 98 8.54 -10.09 0.67
CA VAL A 98 7.53 -10.62 1.62
C VAL A 98 7.55 -12.12 1.44
N TRP A 99 7.83 -12.83 2.53
CA TRP A 99 7.97 -14.28 2.47
C TRP A 99 6.98 -14.85 3.45
N VAL A 100 6.39 -15.99 3.13
CA VAL A 100 5.40 -16.64 4.03
C VAL A 100 5.91 -18.00 4.43
N LYS A 101 5.78 -18.36 5.71
CA LYS A 101 5.94 -19.74 6.16
C LYS A 101 4.56 -20.25 6.51
N LYS A 102 4.17 -21.36 5.88
CA LYS A 102 2.79 -21.82 5.91
C LYS A 102 2.43 -22.48 7.22
N VAL A 103 1.28 -22.11 7.77
CA VAL A 103 0.74 -22.76 8.97
C VAL A 103 -0.67 -23.30 8.72
N ALA A 104 -1.51 -22.50 8.07
CA ALA A 104 -2.95 -22.79 7.94
C ALA A 104 -3.28 -24.05 7.12
N SER A 105 -2.62 -24.23 5.98
CA SER A 105 -2.86 -25.44 5.16
C SER A 105 -1.57 -26.11 4.65
N GLU A 106 -1.70 -27.31 4.09
CA GLU A 106 -0.55 -28.02 3.53
C GLU A 106 -0.03 -27.32 2.26
N PRO A 107 1.29 -27.44 1.97
CA PRO A 107 2.23 -28.14 2.84
C PRO A 107 2.71 -27.24 4.01
N ILE A 108 2.51 -27.74 5.23
CA ILE A 108 2.84 -27.00 6.45
C ILE A 108 4.38 -26.84 6.57
N GLY A 109 4.85 -25.60 6.76
CA GLY A 109 6.28 -25.35 6.92
C GLY A 109 6.94 -24.79 5.67
N GLU A 110 6.24 -24.89 4.54
CA GLU A 110 6.77 -24.43 3.24
C GLU A 110 6.92 -22.92 3.25
N ARG A 111 7.97 -22.41 2.62
CA ARG A 111 8.23 -20.99 2.55
C ARG A 111 8.09 -20.50 1.09
N TYR A 112 7.39 -19.40 0.89
CA TYR A 112 7.24 -18.86 -0.45
C TYR A 112 7.26 -17.34 -0.46
N CYS A 113 7.60 -16.78 -1.60
CA CYS A 113 7.68 -15.35 -1.77
C CYS A 113 6.34 -14.86 -2.29
N VAL A 114 5.78 -13.86 -1.62
CA VAL A 114 4.48 -13.30 -1.99
C VAL A 114 4.64 -12.12 -2.96
N THR A 115 5.57 -11.20 -2.65
CA THR A 115 5.79 -10.00 -3.50
C THR A 115 7.11 -9.35 -3.11
N ASP A 116 7.49 -8.33 -3.86
CA ASP A 116 8.58 -7.45 -3.44
C ASP A 116 8.37 -6.08 -4.08
N ALA A 117 8.92 -5.02 -3.48
CA ALA A 117 8.84 -3.71 -4.10
C ALA A 117 9.90 -2.85 -3.45
N VAL A 118 10.35 -1.86 -4.22
CA VAL A 118 11.18 -0.78 -3.71
C VAL A 118 10.38 0.42 -3.21
N PHE A 119 10.65 0.80 -1.95
CA PHE A 119 10.09 1.94 -1.29
C PHE A 119 11.15 3.03 -1.23
N THR A 120 10.75 4.27 -1.47
CA THR A 120 11.63 5.40 -1.22
C THR A 120 11.16 6.20 -0.01
N PHE A 121 12.04 6.30 0.98
CA PHE A 121 11.78 7.07 2.19
C PHE A 121 12.58 8.39 2.15
N VAL A 122 12.11 9.38 2.89
CA VAL A 122 12.81 10.66 2.99
C VAL A 122 12.98 10.96 4.48
N ALA A 123 14.22 11.29 4.85
CA ALA A 123 14.53 11.76 6.19
C ALA A 123 13.91 13.14 6.36
N VAL A 124 13.11 13.32 7.42
CA VAL A 124 12.43 14.60 7.68
C VAL A 124 12.66 15.11 9.07
N ASP A 125 12.60 16.43 9.21
CA ASP A 125 12.67 17.04 10.48
C ASP A 125 11.28 17.04 11.14
N ASN A 126 11.24 17.70 12.28
CA ASN A 126 10.09 17.90 13.12
C ASN A 126 8.91 18.55 12.39
N ASN A 127 9.19 19.35 11.36
CA ASN A 127 8.10 19.98 10.62
C ASN A 127 7.75 19.31 9.31
N GLY A 128 8.27 18.11 9.09
CA GLY A 128 7.97 17.38 7.88
C GLY A 128 8.82 17.72 6.67
N ARG A 129 9.83 18.58 6.86
CA ARG A 129 10.74 18.97 5.77
C ARG A 129 11.97 18.07 5.65
N SER A 130 12.45 17.86 4.44
CA SER A 130 13.59 16.96 4.24
C SER A 130 14.85 17.41 5.02
N ARG A 131 15.62 16.48 5.51
CA ARG A 131 16.84 16.86 6.20
C ARG A 131 17.96 15.98 5.66
N THR A 132 19.20 16.45 5.77
CA THR A 132 20.33 15.68 5.30
C THR A 132 20.57 14.54 6.28
N ILE A 133 20.63 13.31 5.77
CA ILE A 133 21.01 12.16 6.58
C ILE A 133 22.46 12.42 7.01
N PRO A 134 22.74 12.34 8.34
CA PRO A 134 24.11 12.52 8.84
C PRO A 134 25.04 11.42 8.30
N ARG A 135 26.22 11.82 7.88
CA ARG A 135 27.18 10.88 7.32
C ARG A 135 28.34 10.60 8.28
N GLU A 136 28.46 11.42 9.33
CA GLU A 136 29.55 11.31 10.30
C GLU A 136 29.07 10.48 11.49
N ASN A 137 29.88 9.50 11.90
CA ASN A 137 29.53 8.60 13.01
C ASN A 137 28.15 7.98 12.81
N ASN A 138 28.02 7.37 11.64
CA ASN A 138 26.79 6.70 11.23
C ASN A 138 27.17 5.32 10.74
N GLN A 139 27.31 4.39 11.67
CA GLN A 139 27.69 3.06 11.27
C GLN A 139 26.58 2.25 10.58
N GLU A 140 25.31 2.70 10.72
CA GLU A 140 24.18 2.08 10.00
C GLU A 140 24.26 2.41 8.51
N LEU A 141 24.56 3.67 8.22
CA LEU A 141 24.84 4.10 6.85
C LEU A 141 26.06 3.38 6.24
N GLU A 142 27.15 3.27 7.01
CA GLU A 142 28.33 2.57 6.53
C GLU A 142 28.02 1.11 6.21
N LYS A 143 27.31 0.41 7.09
CA LYS A 143 26.92 -0.97 6.83
C LYS A 143 26.12 -1.07 5.50
N ALA A 144 25.15 -0.18 5.31
CA ALA A 144 24.31 -0.16 4.11
C ALA A 144 25.16 0.10 2.83
N LEU A 145 25.96 1.17 2.84
CA LEU A 145 26.86 1.49 1.71
C LEU A 145 27.81 0.37 1.40
N ALA A 146 28.25 -0.33 2.43
CA ALA A 146 29.21 -1.40 2.20
C ALA A 146 28.53 -2.57 1.49
N LEU A 147 27.31 -2.88 1.90
CA LEU A 147 26.47 -3.90 1.25
C LEU A 147 26.13 -3.53 -0.19
N ILE A 148 25.82 -2.26 -0.45
CA ILE A 148 25.58 -1.79 -1.82
C ILE A 148 26.84 -1.93 -2.70
N SER A 149 28.02 -1.67 -2.12
CA SER A 149 29.31 -1.76 -2.82
C SER A 149 29.68 -3.19 -3.25
N GLU A 150 28.77 -4.13 -3.04
CA GLU A 150 28.88 -5.51 -3.55
C GLU A 150 27.69 -5.87 -4.49
N GLN A 151 26.46 -5.81 -3.95
CA GLN A 151 25.24 -6.06 -4.71
N PHE B 4 -14.75 17.78 -3.50
CA PHE B 4 -13.26 18.00 -3.47
C PHE B 4 -12.73 18.80 -4.69
N THR B 5 -11.93 19.83 -4.38
CA THR B 5 -11.30 20.72 -5.37
C THR B 5 -10.10 21.42 -4.71
N ASP B 6 -8.94 21.34 -5.34
CA ASP B 6 -7.72 21.87 -4.68
C ASP B 6 -7.31 23.27 -5.19
N LYS B 7 -6.13 23.73 -4.77
CA LYS B 7 -5.60 25.05 -5.16
C LYS B 7 -5.25 25.17 -6.64
N ASN B 8 -4.87 24.05 -7.24
CA ASN B 8 -4.55 23.98 -8.66
C ASN B 8 -5.79 23.79 -9.50
N GLY B 9 -6.95 23.62 -8.87
CA GLY B 9 -8.21 23.38 -9.57
C GLY B 9 -8.51 21.92 -9.90
N ARG B 10 -7.71 20.97 -9.41
CA ARG B 10 -7.99 19.54 -9.64
C ARG B 10 -9.23 19.16 -8.83
N GLN B 11 -10.05 18.25 -9.36
CA GLN B 11 -11.25 17.78 -8.67
C GLN B 11 -11.19 16.27 -8.59
N SER B 12 -11.76 15.67 -7.54
CA SER B 12 -11.81 14.21 -7.40
C SER B 12 -12.55 13.56 -8.56
N LYS B 13 -12.08 12.39 -9.00
CA LYS B 13 -12.71 11.65 -10.06
C LYS B 13 -13.24 10.33 -9.52
N GLY B 14 -14.40 9.90 -10.00
CA GLY B 14 -14.97 8.61 -9.56
C GLY B 14 -15.98 8.70 -8.42
N VAL B 15 -16.26 7.54 -7.81
CA VAL B 15 -17.25 7.47 -6.72
C VAL B 15 -16.55 7.36 -5.40
N LEU B 16 -17.16 7.96 -4.37
CA LEU B 16 -16.61 7.87 -3.03
C LEU B 16 -16.73 6.42 -2.55
N LEU B 17 -15.60 5.79 -2.20
CA LEU B 17 -15.57 4.40 -1.73
C LEU B 17 -15.56 4.35 -0.17
N LEU B 18 -14.63 5.10 0.42
CA LEU B 18 -14.45 5.19 1.86
C LEU B 18 -14.24 6.64 2.27
N ARG B 19 -14.79 7.01 3.43
CA ARG B 19 -14.57 8.32 4.06
C ARG B 19 -14.28 8.04 5.54
N THR B 20 -13.03 8.23 5.89
CA THR B 20 -12.44 7.65 7.11
C THR B 20 -11.69 8.77 7.87
N LEU B 21 -11.79 8.81 9.18
CA LEU B 21 -10.92 9.67 9.98
C LEU B 21 -9.58 8.96 10.24
N ALA B 22 -8.48 9.69 10.07
CA ALA B 22 -7.13 9.21 10.44
C ALA B 22 -7.09 9.16 11.94
N MET B 23 -6.94 7.97 12.51
CA MET B 23 -7.02 7.78 13.97
C MET B 23 -5.66 7.46 14.63
N PRO B 24 -5.53 7.70 15.96
CA PRO B 24 -4.28 7.32 16.67
C PRO B 24 -3.81 5.91 16.36
N SER B 25 -4.75 4.97 16.26
CA SER B 25 -4.42 3.55 16.04
C SER B 25 -4.05 3.24 14.59
N ASP B 26 -4.13 4.24 13.71
CA ASP B 26 -3.66 4.08 12.34
C ASP B 26 -2.23 4.54 12.15
N THR B 27 -1.59 5.13 13.15
CA THR B 27 -0.25 5.72 12.93
C THR B 27 0.85 4.69 13.07
N ASN B 28 2.04 5.01 12.59
CA ASN B 28 3.23 4.23 12.95
C ASN B 28 3.57 4.49 14.41
N ALA B 29 4.67 3.94 14.90
CA ALA B 29 5.01 4.10 16.31
C ALA B 29 5.34 5.54 16.69
N ASN B 30 5.85 6.33 15.74
CA ASN B 30 6.12 7.72 16.00
C ASN B 30 4.83 8.61 16.06
N GLY B 31 3.65 8.05 15.83
CA GLY B 31 2.45 8.91 15.76
C GLY B 31 2.16 9.55 14.42
N ASP B 32 2.86 9.13 13.37
CA ASP B 32 2.62 9.67 12.04
C ASP B 32 1.72 8.76 11.22
N ILE B 33 0.85 9.35 10.42
CA ILE B 33 0.09 8.60 9.44
C ILE B 33 1.06 8.21 8.32
N PHE B 34 1.20 6.91 8.08
CA PHE B 34 2.25 6.40 7.18
C PHE B 34 1.70 5.86 5.86
N GLY B 35 2.58 5.76 4.84
CA GLY B 35 2.22 5.29 3.50
C GLY B 35 1.41 4.01 3.49
N GLY B 36 1.86 3.02 4.25
CA GLY B 36 1.19 1.74 4.30
C GLY B 36 -0.29 1.80 4.70
N TRP B 37 -0.64 2.63 5.67
CA TRP B 37 -2.03 2.76 6.00
C TRP B 37 -2.84 3.33 4.82
N ILE B 38 -2.32 4.34 4.15
CA ILE B 38 -3.01 4.87 2.97
C ILE B 38 -3.16 3.79 1.91
N MET B 39 -2.08 3.05 1.67
CA MET B 39 -2.09 1.95 0.71
C MET B 39 -3.18 0.92 1.06
N SER B 40 -3.27 0.58 2.35
CA SER B 40 -4.31 -0.32 2.84
C SER B 40 -5.75 0.16 2.55
N GLN B 41 -5.99 1.44 2.82
CA GLN B 41 -7.30 2.05 2.61
C GLN B 41 -7.67 2.05 1.12
N MET B 42 -6.69 2.34 0.25
CA MET B 42 -6.88 2.31 -1.20
C MET B 42 -7.32 0.94 -1.71
N ASP B 43 -6.63 -0.09 -1.24
CA ASP B 43 -6.92 -1.44 -1.66
C ASP B 43 -8.31 -1.90 -1.20
N MET B 44 -8.60 -1.68 0.10
CA MET B 44 -9.87 -1.99 0.70
C MET B 44 -11.01 -1.24 0.01
N GLY B 45 -10.82 0.06 -0.24
CA GLY B 45 -11.84 0.88 -0.83
C GLY B 45 -12.01 0.51 -2.31
N GLY B 46 -10.90 0.40 -3.06
CA GLY B 46 -10.98 -0.02 -4.49
C GLY B 46 -11.76 -1.32 -4.67
N ALA B 47 -11.46 -2.31 -3.83
CA ALA B 47 -12.10 -3.60 -3.86
C ALA B 47 -13.60 -3.57 -3.58
N ILE B 48 -14.13 -2.54 -2.90
CA ILE B 48 -15.59 -2.44 -2.78
C ILE B 48 -16.24 -2.31 -4.20
N LEU B 49 -15.67 -1.42 -5.02
CA LEU B 49 -16.16 -1.17 -6.37
C LEU B 49 -15.96 -2.44 -7.22
N ALA B 50 -14.75 -3.00 -7.13
CA ALA B 50 -14.44 -4.22 -7.89
C ALA B 50 -15.40 -5.35 -7.55
N LYS B 51 -15.71 -5.54 -6.27
CA LYS B 51 -16.66 -6.59 -5.87
C LYS B 51 -18.10 -6.33 -6.34
N GLU B 52 -18.51 -5.06 -6.34
CA GLU B 52 -19.79 -4.63 -6.93
C GLU B 52 -19.92 -5.06 -8.38
N ILE B 53 -18.87 -4.83 -9.16
CA ILE B 53 -18.92 -5.16 -10.59
C ILE B 53 -18.76 -6.67 -10.78
N ALA B 54 -17.85 -7.27 -10.04
CA ALA B 54 -17.45 -8.68 -10.22
C ALA B 54 -18.54 -9.66 -9.74
N HIS B 55 -19.48 -9.15 -8.95
CA HIS B 55 -20.59 -9.93 -8.34
C HIS B 55 -20.09 -11.05 -7.42
N GLY B 56 -19.06 -10.75 -6.64
CA GLY B 56 -18.53 -11.70 -5.67
C GLY B 56 -17.07 -11.42 -5.30
N ARG B 57 -16.44 -12.44 -4.72
CA ARG B 57 -15.10 -12.29 -4.16
C ARG B 57 -14.08 -11.80 -5.18
N VAL B 58 -13.18 -10.93 -4.73
CA VAL B 58 -12.09 -10.44 -5.56
C VAL B 58 -10.82 -10.44 -4.73
N VAL B 59 -9.67 -10.63 -5.39
CA VAL B 59 -8.36 -10.47 -4.75
C VAL B 59 -7.51 -9.48 -5.52
N THR B 60 -6.55 -8.89 -4.82
CA THR B 60 -5.59 -7.98 -5.45
C THR B 60 -4.45 -8.72 -6.10
N VAL B 61 -4.21 -8.48 -7.41
CA VAL B 61 -3.01 -9.06 -8.05
C VAL B 61 -1.89 -8.03 -8.36
N ALA B 62 -2.22 -6.76 -8.53
CA ALA B 62 -1.19 -5.81 -8.88
C ALA B 62 -1.56 -4.44 -8.37
N VAL B 63 -0.55 -3.60 -8.15
CA VAL B 63 -0.76 -2.17 -7.88
C VAL B 63 0.32 -1.46 -8.64
N GLU B 64 -0.02 -0.32 -9.25
CA GLU B 64 1.03 0.40 -9.99
C GLU B 64 1.84 1.31 -9.01
N SER B 65 2.89 1.95 -9.48
CA SER B 65 3.70 2.80 -8.61
C SER B 65 2.87 4.00 -8.10
N MET B 66 3.29 4.62 -7.00
CA MET B 66 2.56 5.67 -6.30
C MET B 66 3.53 6.68 -5.74
N ASN B 67 3.20 7.98 -5.70
CA ASN B 67 4.00 9.00 -4.92
C ASN B 67 3.06 9.58 -3.89
N PHE B 68 3.58 10.01 -2.74
CA PHE B 68 2.74 10.65 -1.69
C PHE B 68 3.24 12.10 -1.65
N ILE B 69 2.39 13.05 -2.06
CA ILE B 69 2.87 14.41 -2.21
C ILE B 69 2.84 15.28 -0.95
N LYS B 70 1.93 14.95 -0.02
CA LYS B 70 1.71 15.77 1.17
C LYS B 70 1.35 14.84 2.34
N PRO B 71 1.80 15.19 3.56
CA PRO B 71 1.52 14.37 4.74
C PRO B 71 0.05 14.47 5.19
N ILE B 72 -0.38 13.53 6.04
CA ILE B 72 -1.72 13.58 6.61
C ILE B 72 -1.52 13.59 8.12
N SER B 73 -2.33 14.38 8.85
CA SER B 73 -2.33 14.37 10.31
C SER B 73 -3.45 13.50 10.88
N VAL B 74 -3.21 12.93 12.06
CA VAL B 74 -4.33 12.39 12.90
C VAL B 74 -5.47 13.40 13.07
N GLY B 75 -6.68 12.93 12.80
CA GLY B 75 -7.89 13.73 12.88
C GLY B 75 -8.36 14.18 11.50
N ASP B 76 -7.48 14.16 10.50
CA ASP B 76 -7.88 14.59 9.14
C ASP B 76 -8.88 13.57 8.54
N VAL B 77 -9.78 14.02 7.68
CA VAL B 77 -10.70 13.14 6.97
C VAL B 77 -10.02 12.68 5.69
N VAL B 78 -10.05 11.37 5.44
CA VAL B 78 -9.35 10.72 4.32
C VAL B 78 -10.38 9.96 3.44
N CYS B 79 -10.47 10.36 2.17
CA CYS B 79 -11.45 9.85 1.23
C CYS B 79 -10.77 9.10 0.09
N CYS B 80 -11.33 7.94 -0.25
CA CYS B 80 -10.83 7.18 -1.40
C CYS B 80 -11.95 7.22 -2.41
N TYR B 81 -11.61 7.67 -3.61
CA TYR B 81 -12.51 7.69 -4.76
C TYR B 81 -12.06 6.67 -5.80
N GLY B 82 -13.00 5.99 -6.47
CA GLY B 82 -12.66 4.93 -7.42
C GLY B 82 -13.29 5.14 -8.79
N GLN B 83 -12.56 4.80 -9.85
CA GLN B 83 -13.12 4.73 -11.21
C GLN B 83 -12.69 3.43 -11.81
N CYS B 84 -13.62 2.65 -12.35
CA CYS B 84 -13.23 1.44 -13.04
C CYS B 84 -12.72 1.81 -14.44
N LEU B 85 -11.50 1.38 -14.76
CA LEU B 85 -10.86 1.74 -16.02
C LEU B 85 -10.91 0.62 -17.06
N LYS B 86 -11.03 -0.61 -16.59
CA LYS B 86 -11.03 -1.76 -17.51
C LYS B 86 -11.68 -2.94 -16.83
N VAL B 87 -12.54 -3.67 -17.55
CA VAL B 87 -12.98 -4.99 -17.07
C VAL B 87 -12.64 -6.02 -18.15
N GLY B 88 -11.91 -7.05 -17.77
CA GLY B 88 -11.53 -8.11 -18.70
C GLY B 88 -12.41 -9.32 -18.46
N ARG B 89 -11.86 -10.52 -18.56
CA ARG B 89 -12.64 -11.75 -18.32
C ARG B 89 -12.90 -11.90 -16.83
N SER B 90 -11.80 -11.92 -16.07
CA SER B 90 -11.89 -11.97 -14.61
C SER B 90 -11.20 -10.80 -13.92
N SER B 91 -10.51 -9.96 -14.67
CA SER B 91 -9.76 -8.86 -14.06
C SER B 91 -10.55 -7.53 -14.12
N ILE B 92 -10.26 -6.66 -13.17
CA ILE B 92 -10.89 -5.35 -13.07
C ILE B 92 -9.86 -4.33 -12.61
N LYS B 93 -9.71 -3.27 -13.37
CA LYS B 93 -8.75 -2.24 -13.01
C LYS B 93 -9.51 -1.09 -12.40
N ILE B 94 -9.16 -0.72 -11.16
CA ILE B 94 -9.77 0.43 -10.48
C ILE B 94 -8.72 1.48 -10.13
N LYS B 95 -8.89 2.69 -10.65
CA LYS B 95 -8.07 3.82 -10.19
C LYS B 95 -8.63 4.44 -8.91
N VAL B 96 -7.79 4.55 -7.87
CA VAL B 96 -8.16 5.08 -6.57
C VAL B 96 -7.37 6.35 -6.36
N GLU B 97 -8.10 7.43 -6.07
CA GLU B 97 -7.52 8.73 -5.70
C GLU B 97 -7.78 8.88 -4.22
N VAL B 98 -6.78 9.35 -3.48
CA VAL B 98 -6.93 9.63 -2.04
C VAL B 98 -6.97 11.13 -1.86
N TRP B 99 -8.07 11.61 -1.31
CA TRP B 99 -8.24 13.01 -0.99
C TRP B 99 -8.33 13.21 0.52
N VAL B 100 -7.83 14.36 0.98
CA VAL B 100 -7.83 14.71 2.39
C VAL B 100 -8.55 16.01 2.61
N LYS B 101 -9.36 16.08 3.67
CA LYS B 101 -9.88 17.33 4.17
C LYS B 101 -9.18 17.64 5.51
N LYS B 102 -8.49 18.76 5.57
CA LYS B 102 -7.65 19.08 6.70
C LYS B 102 -8.47 19.36 7.97
N VAL B 103 -8.11 18.70 9.07
CA VAL B 103 -8.72 18.99 10.36
C VAL B 103 -7.69 19.44 11.41
N ALA B 104 -6.55 18.75 11.52
CA ALA B 104 -5.65 18.96 12.66
C ALA B 104 -4.93 20.29 12.62
N SER B 105 -4.56 20.72 11.41
CA SER B 105 -3.70 21.87 11.21
C SER B 105 -4.27 22.80 10.18
N GLU B 106 -3.88 24.07 10.30
CA GLU B 106 -4.21 25.07 9.29
C GLU B 106 -3.46 24.77 7.98
N PRO B 107 -4.07 25.12 6.82
CA PRO B 107 -5.41 25.73 6.76
C PRO B 107 -6.52 24.67 6.95
N ILE B 108 -7.38 24.89 7.94
CA ILE B 108 -8.45 23.94 8.26
C ILE B 108 -9.56 23.93 7.19
N GLY B 109 -9.88 22.75 6.70
CA GLY B 109 -10.90 22.61 5.68
C GLY B 109 -10.34 22.52 4.28
N GLU B 110 -9.03 22.76 4.11
CA GLU B 110 -8.39 22.63 2.81
C GLU B 110 -8.47 21.20 2.34
N ARG B 111 -8.70 21.01 1.03
CA ARG B 111 -8.71 19.70 0.40
C ARG B 111 -7.55 19.53 -0.56
N TYR B 112 -6.96 18.35 -0.53
CA TYR B 112 -5.86 18.07 -1.43
C TYR B 112 -5.79 16.61 -1.76
N CYS B 113 -5.13 16.28 -2.87
CA CYS B 113 -4.98 14.90 -3.26
C CYS B 113 -3.57 14.43 -2.86
N VAL B 114 -3.51 13.43 -1.98
CA VAL B 114 -2.28 12.83 -1.46
C VAL B 114 -1.61 11.92 -2.46
N THR B 115 -2.42 11.02 -3.04
CA THR B 115 -1.89 10.07 -4.00
C THR B 115 -3.00 9.51 -4.88
N ASP B 116 -2.63 8.77 -5.91
CA ASP B 116 -3.56 7.89 -6.63
C ASP B 116 -2.81 6.72 -7.23
N ALA B 117 -3.54 5.66 -7.57
CA ALA B 117 -2.90 4.51 -8.21
C ALA B 117 -3.95 3.55 -8.70
N VAL B 118 -3.60 2.83 -9.73
CA VAL B 118 -4.46 1.80 -10.29
C VAL B 118 -4.18 0.47 -9.63
N PHE B 119 -5.25 -0.11 -9.10
CA PHE B 119 -5.23 -1.45 -8.58
C PHE B 119 -5.81 -2.42 -9.59
N THR B 120 -5.17 -3.58 -9.73
CA THR B 120 -5.75 -4.67 -10.51
C THR B 120 -6.25 -5.77 -9.60
N PHE B 121 -7.56 -6.03 -9.69
CA PHE B 121 -8.20 -7.06 -8.90
C PHE B 121 -8.63 -8.18 -9.84
N VAL B 122 -8.78 -9.39 -9.27
CA VAL B 122 -9.21 -10.56 -10.05
C VAL B 122 -10.40 -11.18 -9.32
N ALA B 123 -11.46 -11.49 -10.06
CA ALA B 123 -12.62 -12.16 -9.52
C ALA B 123 -12.25 -13.62 -9.31
N VAL B 124 -12.44 -14.13 -8.09
CA VAL B 124 -12.05 -15.50 -7.77
C VAL B 124 -13.21 -16.26 -7.17
N ASP B 125 -13.14 -17.59 -7.19
CA ASP B 125 -14.13 -18.40 -6.50
C ASP B 125 -13.73 -18.63 -5.02
N ASN B 126 -14.25 -19.68 -4.39
CA ASN B 126 -13.85 -20.01 -3.01
C ASN B 126 -12.48 -20.61 -2.85
N ASN B 127 -11.91 -21.16 -3.92
CA ASN B 127 -10.59 -21.78 -3.82
C ASN B 127 -9.49 -20.84 -4.23
N GLY B 128 -9.85 -19.60 -4.55
CA GLY B 128 -8.90 -18.60 -5.01
C GLY B 128 -8.61 -18.65 -6.50
N ARG B 129 -9.37 -19.48 -7.23
CA ARG B 129 -9.22 -19.66 -8.67
C ARG B 129 -9.99 -18.59 -9.42
N SER B 130 -9.43 -18.05 -10.51
CA SER B 130 -10.10 -16.96 -11.23
C SER B 130 -11.45 -17.40 -11.80
N ARG B 131 -12.43 -16.50 -11.78
CA ARG B 131 -13.76 -16.80 -12.33
C ARG B 131 -14.20 -15.72 -13.30
N THR B 132 -15.05 -16.10 -14.24
CA THR B 132 -15.51 -15.15 -15.25
C THR B 132 -16.52 -14.18 -14.64
N ILE B 133 -16.22 -12.90 -14.71
CA ILE B 133 -17.19 -11.89 -14.31
C ILE B 133 -18.49 -11.99 -15.13
N PRO B 134 -19.65 -12.06 -14.44
CA PRO B 134 -20.88 -12.25 -15.20
C PRO B 134 -21.26 -11.00 -16.01
N ARG B 135 -21.47 -11.16 -17.31
CA ARG B 135 -21.73 -10.05 -18.24
C ARG B 135 -23.20 -9.92 -18.65
N GLU B 136 -24.01 -10.91 -18.31
CA GLU B 136 -25.44 -10.87 -18.60
C GLU B 136 -26.13 -10.33 -17.37
N ASN B 137 -26.92 -9.26 -17.50
CA ASN B 137 -27.75 -8.83 -16.37
C ASN B 137 -26.91 -8.24 -15.24
N ASN B 138 -25.79 -7.63 -15.58
CA ASN B 138 -24.91 -7.04 -14.58
C ASN B 138 -25.01 -5.52 -14.68
N GLN B 139 -25.93 -4.93 -13.93
CA GLN B 139 -26.14 -3.49 -13.94
C GLN B 139 -24.90 -2.69 -13.45
N GLU B 140 -24.16 -3.24 -12.50
CA GLU B 140 -22.96 -2.58 -12.02
C GLU B 140 -21.92 -2.52 -13.13
N LEU B 141 -21.77 -3.63 -13.87
CA LEU B 141 -20.85 -3.66 -15.02
C LEU B 141 -21.29 -2.70 -16.14
N GLU B 142 -22.57 -2.72 -16.50
CA GLU B 142 -23.10 -1.83 -17.54
C GLU B 142 -22.81 -0.36 -17.19
N LYS B 143 -23.02 0.01 -15.92
CA LYS B 143 -22.78 1.36 -15.45
C LYS B 143 -21.28 1.67 -15.57
N ALA B 144 -20.43 0.73 -15.16
CA ALA B 144 -18.97 0.90 -15.27
C ALA B 144 -18.51 1.12 -16.72
N LEU B 145 -19.07 0.33 -17.64
CA LEU B 145 -18.67 0.39 -19.03
C LEU B 145 -19.17 1.68 -19.69
N ALA B 146 -20.39 2.10 -19.32
CA ALA B 146 -20.93 3.37 -19.83
C ALA B 146 -20.03 4.52 -19.32
N LEU B 147 -19.55 4.42 -18.08
CA LEU B 147 -18.69 5.48 -17.54
C LEU B 147 -17.36 5.56 -18.33
N ILE B 148 -16.78 4.39 -18.64
CA ILE B 148 -15.56 4.30 -19.48
C ILE B 148 -15.75 4.92 -20.87
N SER B 149 -16.83 4.59 -21.60
CA SER B 149 -17.14 5.22 -22.93
C SER B 149 -17.32 6.75 -22.86
N GLU B 150 -17.33 7.32 -21.65
CA GLU B 150 -17.70 8.74 -21.43
C GLU B 150 -16.79 9.61 -20.50
N GLN B 151 -15.82 9.01 -19.79
CA GLN B 151 -14.90 9.73 -18.88
#